data_8IWV
#
_entry.id   8IWV
#
_cell.length_a   89.450
_cell.length_b   72.647
_cell.length_c   43.887
_cell.angle_alpha   90.000
_cell.angle_beta   94.302
_cell.angle_gamma   90.000
#
_symmetry.space_group_name_H-M   'C 1 2 1'
#
loop_
_entity.id
_entity.type
_entity.pdbx_description
1 polymer Beta-lactamase
2 non-polymer 'PHOSPHATE ION'
3 water water
#
_entity_poly.entity_id   1
_entity_poly.type   'polypeptide(L)'
_entity_poly.pdbx_seq_one_letter_code
;MKHSSLRRSLLLAGITLPLVSFALPAWANALPASVDKQLAELERNANGRLGVAMINTGNGTKILYRAAQRFPFCSTFKFM
LAAAVLDQSQSQPNLLNKHINYHESDLLSYAPITRKNLAHGMTVSELCAATIQYSDNTAANLLIKELGGLAAVNQFARSI
GDQMFRLDRWEPDLNTARPNDPRDTTTPAAMAASMNKLVLGDALRPAQRSQLAVWLKGNTTGDATIRAGAPTDWIVGDKT
GSGDYGTTNDIAVLWPTKGAPIVLVVYFTQREKDAKPRRDVLASVTKIILSQIS
;
_entity_poly.pdbx_strand_id   A
#
loop_
_chem_comp.id
_chem_comp.type
_chem_comp.name
_chem_comp.formula
PO4 non-polymer 'PHOSPHATE ION' 'O4 P -3'
#
# COMPACT_ATOMS: atom_id res chain seq x y z
N SER A 34 21.95 13.74 -7.74
CA SER A 34 21.38 14.11 -9.06
C SER A 34 20.00 13.50 -9.28
N VAL A 35 19.78 12.28 -8.77
CA VAL A 35 18.42 11.82 -8.58
C VAL A 35 17.75 12.83 -7.67
N ASP A 36 18.49 13.09 -6.58
CA ASP A 36 18.13 14.08 -5.58
C ASP A 36 17.58 15.31 -6.26
N LYS A 37 18.24 15.74 -7.34
CA LYS A 37 17.86 16.97 -7.98
C LYS A 37 16.52 16.81 -8.69
N GLN A 38 16.40 15.93 -9.68
CA GLN A 38 15.16 15.97 -10.46
C GLN A 38 13.97 15.66 -9.54
N LEU A 39 14.14 14.85 -8.49
CA LEU A 39 13.04 14.65 -7.55
C LEU A 39 12.69 15.96 -6.84
N ALA A 40 13.72 16.60 -6.21
CA ALA A 40 13.61 17.93 -5.64
C ALA A 40 12.91 18.87 -6.60
N GLU A 41 13.31 18.76 -7.87
CA GLU A 41 12.77 19.58 -8.94
C GLU A 41 11.29 19.28 -9.12
N LEU A 42 10.97 17.99 -9.35
CA LEU A 42 9.61 17.53 -9.66
C LEU A 42 8.64 17.87 -8.53
N GLU A 43 9.20 17.98 -7.32
CA GLU A 43 8.43 18.26 -6.14
C GLU A 43 7.94 19.72 -6.16
N ARG A 44 8.90 20.67 -6.23
CA ARG A 44 8.58 22.09 -6.32
C ARG A 44 7.57 22.32 -7.43
N ASN A 45 7.82 21.65 -8.56
CA ASN A 45 7.03 21.85 -9.76
C ASN A 45 5.59 21.50 -9.44
N ALA A 46 5.38 20.44 -8.64
CA ALA A 46 4.03 20.00 -8.28
C ALA A 46 3.55 20.63 -6.99
N ASN A 47 4.40 21.44 -6.34
CA ASN A 47 4.10 22.13 -5.09
C ASN A 47 3.46 21.13 -4.15
N GLY A 48 4.26 20.10 -3.86
CA GLY A 48 3.91 18.99 -3.00
C GLY A 48 5.11 18.58 -2.16
N ARG A 49 4.91 17.57 -1.31
CA ARG A 49 5.98 16.94 -0.57
C ARG A 49 6.05 15.50 -1.03
N LEU A 50 7.28 15.02 -1.27
CA LEU A 50 7.55 13.75 -1.92
C LEU A 50 8.43 12.90 -1.02
N GLY A 51 8.00 11.65 -0.80
CA GLY A 51 8.82 10.65 -0.14
C GLY A 51 8.96 9.43 -1.04
N VAL A 52 10.20 8.96 -1.18
CA VAL A 52 10.49 7.86 -2.08
C VAL A 52 11.41 6.92 -1.34
N ALA A 53 11.14 5.63 -1.44
CA ALA A 53 12.15 4.66 -1.05
C ALA A 53 12.11 3.54 -2.09
N MET A 54 13.30 3.26 -2.62
CA MET A 54 13.50 2.19 -3.59
C MET A 54 14.56 1.27 -3.00
N ILE A 55 14.32 -0.03 -3.10
CA ILE A 55 15.28 -1.03 -2.68
C ILE A 55 15.52 -1.94 -3.86
N ASN A 56 16.71 -1.84 -4.44
CA ASN A 56 17.13 -2.72 -5.50
C ASN A 56 17.71 -3.98 -4.88
N THR A 57 16.95 -5.07 -4.93
CA THR A 57 17.31 -6.26 -4.16
C THR A 57 18.40 -7.03 -4.87
N GLY A 58 18.59 -6.75 -6.17
CA GLY A 58 19.66 -7.35 -6.96
C GLY A 58 21.06 -6.98 -6.47
N ASN A 59 21.29 -5.73 -6.04
CA ASN A 59 22.64 -5.32 -5.63
C ASN A 59 22.69 -4.71 -4.23
N GLY A 60 21.54 -4.56 -3.55
CA GLY A 60 21.51 -4.01 -2.20
C GLY A 60 21.41 -2.48 -2.17
N THR A 61 21.30 -1.88 -3.35
CA THR A 61 21.27 -0.43 -3.52
C THR A 61 19.90 0.13 -3.13
N LYS A 62 19.91 1.38 -2.66
CA LYS A 62 18.68 2.07 -2.31
C LYS A 62 18.72 3.49 -2.85
N ILE A 63 17.54 3.99 -3.18
CA ILE A 63 17.32 5.41 -3.36
C ILE A 63 16.23 5.86 -2.38
N LEU A 64 16.58 6.90 -1.61
CA LEU A 64 15.77 7.37 -0.50
C LEU A 64 15.62 8.88 -0.62
N TYR A 65 14.39 9.35 -0.51
CA TYR A 65 14.07 10.75 -0.63
C TYR A 65 12.97 11.07 0.37
N ARG A 66 13.30 11.97 1.31
CA ARG A 66 12.46 12.26 2.46
C ARG A 66 11.91 10.96 3.03
N ALA A 67 12.77 9.93 3.13
CA ALA A 67 12.31 8.56 3.31
C ALA A 67 12.18 8.22 4.79
N ALA A 68 12.73 9.07 5.65
CA ALA A 68 12.50 9.00 7.08
C ALA A 68 11.35 9.93 7.51
N GLN A 69 10.77 10.71 6.60
CA GLN A 69 9.69 11.63 6.94
C GLN A 69 8.38 10.85 6.95
N ARG A 70 7.45 11.27 7.82
CA ARG A 70 6.10 10.68 7.87
C ARG A 70 5.18 11.21 6.75
N PHE A 71 4.31 10.33 6.27
CA PHE A 71 3.38 10.63 5.18
C PHE A 71 2.09 9.88 5.44
N PRO A 72 0.91 10.48 5.19
CA PRO A 72 -0.34 9.76 5.41
C PRO A 72 -0.43 8.61 4.42
N PHE A 73 -0.64 7.38 4.92
CA PHE A 73 -0.52 6.22 4.05
C PHE A 73 -1.79 5.95 3.24
N CYS A 74 -2.93 6.53 3.64
CA CYS A 74 -4.21 6.32 2.95
C CYS A 74 -4.39 4.82 2.69
N SER A 75 -4.73 4.38 1.48
CA SER A 75 -5.12 2.98 1.30
C SER A 75 -3.92 2.02 1.28
N THR A 76 -2.69 2.56 1.33
CA THR A 76 -1.51 1.71 1.27
C THR A 76 -1.42 0.82 2.51
N PHE A 77 -2.05 1.21 3.62
CA PHE A 77 -1.96 0.43 4.83
C PHE A 77 -2.61 -0.94 4.63
N LYS A 78 -3.62 -0.99 3.73
CA LYS A 78 -4.34 -2.20 3.39
C LYS A 78 -3.38 -3.31 2.96
N PHE A 79 -2.25 -2.95 2.36
CA PHE A 79 -1.20 -3.93 2.14
C PHE A 79 -0.80 -4.58 3.47
N MET A 80 -0.54 -3.76 4.50
CA MET A 80 -0.09 -4.27 5.80
C MET A 80 -1.18 -5.10 6.45
N LEU A 81 -2.43 -4.69 6.19
CA LEU A 81 -3.61 -5.29 6.78
C LEU A 81 -3.80 -6.69 6.24
N ALA A 82 -3.61 -6.85 4.93
CA ALA A 82 -3.75 -8.16 4.32
C ALA A 82 -2.63 -9.09 4.80
N ALA A 83 -1.39 -8.58 4.89
CA ALA A 83 -0.30 -9.37 5.44
C ALA A 83 -0.64 -9.81 6.86
N ALA A 84 -1.27 -8.93 7.64
CA ALA A 84 -1.62 -9.29 9.01
C ALA A 84 -2.59 -10.48 9.01
N VAL A 85 -3.59 -10.47 8.13
CA VAL A 85 -4.54 -11.56 8.03
C VAL A 85 -3.80 -12.86 7.67
N LEU A 86 -2.85 -12.76 6.75
CA LEU A 86 -2.18 -13.94 6.28
C LEU A 86 -1.32 -14.49 7.41
N ASP A 87 -0.73 -13.60 8.20
CA ASP A 87 0.01 -14.01 9.39
C ASP A 87 -0.91 -14.85 10.27
N GLN A 88 -2.05 -14.29 10.62
CA GLN A 88 -2.99 -14.97 11.47
C GLN A 88 -3.37 -16.33 10.87
N SER A 89 -3.65 -16.31 9.57
CA SER A 89 -4.14 -17.50 8.89
C SER A 89 -3.15 -18.65 9.04
N GLN A 90 -1.89 -18.37 9.38
CA GLN A 90 -0.86 -19.39 9.56
C GLN A 90 -1.13 -20.28 10.78
N SER A 91 -1.92 -19.82 11.73
CA SER A 91 -2.29 -20.65 12.86
C SER A 91 -3.79 -20.96 12.82
N GLN A 92 -4.48 -20.56 11.75
CA GLN A 92 -5.92 -20.76 11.60
C GLN A 92 -6.22 -21.29 10.20
N PRO A 93 -6.12 -22.62 9.98
CA PRO A 93 -6.37 -23.20 8.66
C PRO A 93 -7.67 -22.73 8.01
N ASN A 94 -8.73 -22.52 8.79
CA ASN A 94 -10.06 -22.22 8.23
C ASN A 94 -10.29 -20.73 8.03
N LEU A 95 -9.37 -19.89 8.48
CA LEU A 95 -9.65 -18.46 8.52
C LEU A 95 -9.92 -17.91 7.11
N LEU A 96 -9.16 -18.36 6.09
CA LEU A 96 -9.26 -17.75 4.76
C LEU A 96 -10.57 -18.12 4.05
N ASN A 97 -11.15 -19.28 4.37
CA ASN A 97 -12.42 -19.64 3.73
C ASN A 97 -13.59 -19.22 4.60
N LYS A 98 -13.31 -18.64 5.78
CA LYS A 98 -14.38 -18.25 6.69
C LYS A 98 -15.29 -17.26 5.98
N HIS A 99 -16.60 -17.53 5.98
CA HIS A 99 -17.58 -16.70 5.31
C HIS A 99 -17.98 -15.54 6.21
N ILE A 100 -17.86 -14.29 5.75
CA ILE A 100 -18.34 -13.15 6.52
C ILE A 100 -19.67 -12.65 5.97
N ASN A 101 -20.70 -12.57 6.84
CA ASN A 101 -22.01 -12.08 6.41
C ASN A 101 -22.18 -10.68 7.00
N TYR A 102 -21.80 -9.67 6.20
CA TYR A 102 -21.83 -8.28 6.64
C TYR A 102 -23.23 -7.75 6.36
N HIS A 103 -23.68 -6.75 7.14
CA HIS A 103 -24.97 -6.11 6.95
C HIS A 103 -24.75 -4.90 6.03
N GLU A 104 -25.86 -4.42 5.47
CA GLU A 104 -25.92 -3.22 4.68
C GLU A 104 -25.21 -2.03 5.33
N SER A 105 -25.25 -1.93 6.66
CA SER A 105 -24.73 -0.77 7.35
C SER A 105 -23.19 -0.76 7.44
N ASP A 106 -22.51 -1.85 7.05
CA ASP A 106 -21.06 -1.86 7.02
C ASP A 106 -20.56 -1.17 5.73
N LEU A 107 -21.45 -1.00 4.76
CA LEU A 107 -21.12 -0.44 3.46
C LEU A 107 -20.69 1.02 3.59
N LEU A 108 -19.68 1.40 2.82
CA LEU A 108 -19.25 2.78 2.75
C LEU A 108 -19.38 3.26 1.31
N SER A 109 -19.00 4.53 1.10
CA SER A 109 -18.95 5.13 -0.22
C SER A 109 -18.07 4.34 -1.15
N TYR A 110 -16.87 3.95 -0.69
CA TYR A 110 -15.99 3.26 -1.61
C TYR A 110 -15.89 1.79 -1.22
N ALA A 111 -16.85 1.01 -1.70
CA ALA A 111 -16.96 -0.39 -1.36
C ALA A 111 -17.56 -1.16 -2.52
N PRO A 112 -17.02 -1.01 -3.74
CA PRO A 112 -17.63 -1.63 -4.92
C PRO A 112 -17.86 -3.13 -4.83
N ILE A 113 -16.89 -3.87 -4.28
CA ILE A 113 -16.94 -5.33 -4.31
C ILE A 113 -17.83 -5.86 -3.19
N THR A 114 -17.68 -5.30 -1.98
CA THR A 114 -18.50 -5.70 -0.86
C THR A 114 -19.95 -5.33 -1.15
N ARG A 115 -20.21 -4.19 -1.83
CA ARG A 115 -21.54 -3.83 -2.29
C ARG A 115 -22.11 -4.93 -3.21
N LYS A 116 -21.29 -5.35 -4.19
CA LYS A 116 -21.61 -6.40 -5.14
C LYS A 116 -21.99 -7.71 -4.44
N ASN A 117 -21.34 -8.06 -3.33
CA ASN A 117 -21.54 -9.38 -2.74
C ASN A 117 -22.36 -9.29 -1.44
N LEU A 118 -23.08 -8.18 -1.23
CA LEU A 118 -23.80 -8.01 0.02
C LEU A 118 -24.73 -9.20 0.27
N ALA A 119 -25.58 -9.54 -0.71
CA ALA A 119 -26.62 -10.54 -0.54
C ALA A 119 -26.02 -11.84 -0.01
N HIS A 120 -24.87 -12.25 -0.53
CA HIS A 120 -24.29 -13.57 -0.28
C HIS A 120 -23.15 -13.52 0.73
N GLY A 121 -22.55 -12.35 0.99
CA GLY A 121 -21.38 -12.27 1.85
C GLY A 121 -20.10 -12.71 1.12
N MET A 122 -18.96 -12.74 1.85
CA MET A 122 -17.65 -12.94 1.24
C MET A 122 -16.71 -13.63 2.22
N THR A 123 -15.80 -14.45 1.70
CA THR A 123 -14.81 -15.09 2.57
C THR A 123 -13.71 -14.09 2.93
N VAL A 124 -12.94 -14.46 3.96
CA VAL A 124 -11.85 -13.61 4.42
C VAL A 124 -10.90 -13.36 3.27
N SER A 125 -10.63 -14.42 2.51
CA SER A 125 -9.70 -14.35 1.40
C SER A 125 -10.21 -13.32 0.38
N GLU A 126 -11.46 -13.51 -0.03
CA GLU A 126 -12.12 -12.65 -1.00
C GLU A 126 -12.04 -11.19 -0.53
N LEU A 127 -12.29 -10.96 0.77
CA LEU A 127 -12.22 -9.62 1.30
C LEU A 127 -10.80 -9.04 1.20
N CYS A 128 -9.78 -9.88 1.43
CA CYS A 128 -8.41 -9.43 1.29
C CYS A 128 -8.18 -9.02 -0.15
N ALA A 129 -8.64 -9.85 -1.10
CA ALA A 129 -8.47 -9.56 -2.51
C ALA A 129 -9.10 -8.21 -2.87
N ALA A 130 -10.34 -8.03 -2.41
CA ALA A 130 -11.11 -6.86 -2.79
C ALA A 130 -10.47 -5.62 -2.19
N THR A 131 -9.85 -5.79 -1.02
CA THR A 131 -9.24 -4.63 -0.39
C THR A 131 -7.91 -4.28 -1.07
N ILE A 132 -7.12 -5.28 -1.46
CA ILE A 132 -5.88 -5.02 -2.17
C ILE A 132 -6.16 -4.50 -3.58
N GLN A 133 -7.06 -5.19 -4.31
CA GLN A 133 -7.14 -5.07 -5.75
C GLN A 133 -8.18 -4.05 -6.22
N TYR A 134 -9.17 -3.74 -5.38
CA TYR A 134 -10.13 -2.69 -5.72
C TYR A 134 -10.11 -1.59 -4.66
N SER A 135 -9.31 -1.74 -3.60
CA SER A 135 -9.20 -0.75 -2.52
C SER A 135 -10.53 -0.60 -1.79
N ASP A 136 -11.27 -1.70 -1.67
CA ASP A 136 -12.57 -1.70 -1.01
C ASP A 136 -12.41 -1.32 0.46
N ASN A 137 -13.09 -0.27 0.93
CA ASN A 137 -12.93 0.24 2.30
C ASN A 137 -13.75 -0.57 3.30
N THR A 138 -14.93 -1.04 2.87
CA THR A 138 -15.73 -1.92 3.71
C THR A 138 -14.95 -3.20 3.96
N ALA A 139 -14.36 -3.79 2.93
CA ALA A 139 -13.60 -5.01 3.10
C ALA A 139 -12.50 -4.79 4.15
N ALA A 140 -11.88 -3.60 4.15
CA ALA A 140 -10.78 -3.29 5.05
C ALA A 140 -11.29 -3.25 6.51
N ASN A 141 -12.37 -2.49 6.74
CA ASN A 141 -12.94 -2.35 8.07
C ASN A 141 -13.33 -3.73 8.60
N LEU A 142 -13.97 -4.55 7.75
CA LEU A 142 -14.29 -5.91 8.15
C LEU A 142 -13.04 -6.68 8.55
N LEU A 143 -11.93 -6.49 7.82
CA LEU A 143 -10.74 -7.28 8.09
C LEU A 143 -10.08 -6.83 9.39
N ILE A 144 -10.29 -5.56 9.74
CA ILE A 144 -9.74 -5.05 10.98
C ILE A 144 -10.51 -5.62 12.17
N LYS A 145 -11.84 -5.78 12.06
CA LYS A 145 -12.60 -6.34 13.15
C LYS A 145 -12.13 -7.78 13.34
N GLU A 146 -12.06 -8.52 12.24
CA GLU A 146 -11.80 -9.94 12.30
C GLU A 146 -10.49 -10.16 13.05
N LEU A 147 -9.57 -9.21 12.87
CA LEU A 147 -8.22 -9.33 13.39
C LEU A 147 -8.15 -8.93 14.85
N GLY A 148 -9.12 -8.15 15.33
CA GLY A 148 -9.16 -7.69 16.70
C GLY A 148 -8.93 -6.18 16.87
N GLY A 149 -9.13 -5.40 15.80
CA GLY A 149 -9.15 -3.94 15.90
C GLY A 149 -7.86 -3.31 15.38
N LEU A 150 -7.79 -1.98 15.41
CA LEU A 150 -6.71 -1.18 14.83
C LEU A 150 -5.35 -1.62 15.39
N ALA A 151 -5.35 -1.88 16.71
CA ALA A 151 -4.12 -2.13 17.44
C ALA A 151 -3.53 -3.47 17.04
N ALA A 152 -4.38 -4.37 16.53
CA ALA A 152 -3.90 -5.65 16.07
C ALA A 152 -3.04 -5.44 14.83
N VAL A 153 -3.43 -4.49 13.99
CA VAL A 153 -2.67 -4.18 12.78
C VAL A 153 -1.31 -3.58 13.19
N ASN A 154 -1.32 -2.66 14.17
CA ASN A 154 -0.09 -2.06 14.65
C ASN A 154 0.82 -3.11 15.27
N GLN A 155 0.25 -4.04 16.02
CA GLN A 155 1.08 -5.06 16.61
C GLN A 155 1.72 -5.92 15.51
N PHE A 156 0.95 -6.25 14.48
CA PHE A 156 1.53 -7.04 13.42
C PHE A 156 2.73 -6.31 12.83
N ALA A 157 2.57 -5.02 12.48
CA ALA A 157 3.68 -4.24 11.97
C ALA A 157 4.88 -4.31 12.92
N ARG A 158 4.66 -4.16 14.23
CA ARG A 158 5.76 -4.20 15.17
C ARG A 158 6.46 -5.56 15.11
N SER A 159 5.70 -6.59 14.78
CA SER A 159 6.18 -7.95 14.86
C SER A 159 7.15 -8.25 13.73
N ILE A 160 7.09 -7.48 12.64
CA ILE A 160 7.97 -7.72 11.51
C ILE A 160 9.00 -6.62 11.46
N GLY A 161 9.05 -5.81 12.52
CA GLY A 161 10.14 -4.87 12.74
C GLY A 161 9.88 -3.48 12.18
N ASP A 162 8.61 -3.15 11.91
CA ASP A 162 8.21 -1.84 11.43
C ASP A 162 7.80 -0.99 12.63
N GLN A 163 8.57 0.07 12.91
CA GLN A 163 8.41 0.90 14.09
C GLN A 163 7.60 2.18 13.78
N MET A 164 7.38 2.49 12.50
CA MET A 164 6.84 3.77 12.09
C MET A 164 5.35 3.68 11.70
N PHE A 165 4.91 2.54 11.18
CA PHE A 165 3.52 2.35 10.78
C PHE A 165 2.63 2.56 12.00
N ARG A 166 1.66 3.49 11.91
CA ARG A 166 0.63 3.64 12.94
C ARG A 166 -0.73 3.88 12.28
N LEU A 167 -1.67 2.93 12.54
CA LEU A 167 -3.07 3.03 12.15
C LEU A 167 -3.85 3.55 13.37
N ASP A 168 -4.61 4.64 13.15
CA ASP A 168 -5.20 5.42 14.22
C ASP A 168 -6.72 5.51 14.07
N ARG A 169 -7.21 5.37 12.85
CA ARG A 169 -8.63 5.54 12.59
C ARG A 169 -9.05 4.48 11.58
N TRP A 170 -10.36 4.22 11.56
CA TRP A 170 -11.00 3.30 10.63
C TRP A 170 -11.21 4.02 9.29
N GLU A 171 -11.59 3.24 8.26
CA GLU A 171 -12.14 3.83 7.05
C GLU A 171 -13.51 4.40 7.41
N PRO A 172 -13.88 5.60 6.90
CA PRO A 172 -13.04 6.39 6.01
C PRO A 172 -12.29 7.58 6.60
N ASP A 173 -12.15 7.65 7.93
CA ASP A 173 -11.62 8.84 8.58
C ASP A 173 -10.10 8.97 8.45
N LEU A 174 -9.41 7.90 8.02
CA LEU A 174 -7.95 7.87 7.99
C LEU A 174 -7.35 8.55 6.73
N ASN A 175 -8.18 9.16 5.88
CA ASN A 175 -7.72 9.77 4.63
C ASN A 175 -7.73 11.29 4.71
N THR A 176 -7.96 11.84 5.92
CA THR A 176 -7.92 13.27 6.15
C THR A 176 -6.56 13.84 5.75
N ALA A 177 -5.47 13.14 6.11
CA ALA A 177 -4.15 13.45 5.59
C ALA A 177 -3.76 14.90 5.86
N ARG A 178 -4.01 15.37 7.08
CA ARG A 178 -3.77 16.78 7.35
C ARG A 178 -2.28 17.04 7.55
N PRO A 179 -1.78 18.23 7.18
CA PRO A 179 -0.37 18.56 7.35
C PRO A 179 0.11 18.38 8.79
N ASN A 180 1.18 17.61 8.98
CA ASN A 180 1.83 17.43 10.28
C ASN A 180 0.98 16.63 11.27
N ASP A 181 -0.05 15.92 10.78
CA ASP A 181 -0.80 14.99 11.59
C ASP A 181 -0.15 13.62 11.45
N PRO A 182 0.43 13.06 12.52
CA PRO A 182 1.05 11.74 12.47
C PRO A 182 0.11 10.54 12.48
N ARG A 183 -1.20 10.79 12.56
CA ARG A 183 -2.18 9.73 12.56
C ARG A 183 -2.26 9.09 11.17
N ASP A 184 -2.35 7.76 11.15
CA ASP A 184 -2.50 6.99 9.92
C ASP A 184 -1.38 7.39 8.96
N THR A 185 -0.12 7.21 9.43
CA THR A 185 1.04 7.51 8.63
C THR A 185 2.10 6.42 8.77
N THR A 186 3.08 6.45 7.85
CA THR A 186 4.32 5.73 7.96
C THR A 186 5.40 6.52 7.23
N THR A 187 6.60 5.93 7.12
CA THR A 187 7.64 6.56 6.35
C THR A 187 7.88 5.68 5.14
N PRO A 188 8.37 6.26 4.03
CA PRO A 188 8.62 5.46 2.82
C PRO A 188 9.63 4.35 3.12
N ALA A 189 10.62 4.64 3.95
CA ALA A 189 11.64 3.66 4.28
C ALA A 189 10.98 2.49 5.01
N ALA A 190 10.21 2.80 6.05
CA ALA A 190 9.61 1.73 6.82
C ALA A 190 8.77 0.87 5.87
N MET A 191 7.89 1.49 5.08
CA MET A 191 6.98 0.70 4.27
C MET A 191 7.74 -0.11 3.20
N ALA A 192 8.83 0.46 2.67
CA ALA A 192 9.63 -0.25 1.71
C ALA A 192 10.22 -1.48 2.38
N ALA A 193 10.80 -1.31 3.59
CA ALA A 193 11.40 -2.40 4.33
C ALA A 193 10.35 -3.49 4.61
N SER A 194 9.15 -3.07 5.02
CA SER A 194 8.07 -3.99 5.31
C SER A 194 7.66 -4.79 4.06
N MET A 195 7.53 -4.12 2.91
CA MET A 195 7.07 -4.77 1.70
C MET A 195 8.14 -5.76 1.23
N ASN A 196 9.39 -5.41 1.43
CA ASN A 196 10.49 -6.30 1.10
C ASN A 196 10.40 -7.57 1.96
N LYS A 197 10.22 -7.41 3.27
CA LYS A 197 10.18 -8.53 4.18
C LYS A 197 9.02 -9.48 3.87
N LEU A 198 7.87 -8.87 3.58
CA LEU A 198 6.62 -9.60 3.41
C LEU A 198 6.60 -10.32 2.07
N VAL A 199 7.07 -9.67 1.02
CA VAL A 199 6.85 -10.17 -0.34
C VAL A 199 8.06 -10.95 -0.83
N LEU A 200 9.26 -10.55 -0.42
CA LEU A 200 10.49 -11.17 -0.90
C LEU A 200 11.19 -11.92 0.22
N GLY A 201 11.11 -11.39 1.46
CA GLY A 201 11.83 -11.97 2.60
C GLY A 201 11.00 -13.05 3.27
N ASP A 202 11.25 -13.28 4.56
CA ASP A 202 10.84 -14.49 5.29
C ASP A 202 9.84 -14.17 6.41
N ALA A 203 9.17 -13.02 6.31
CA ALA A 203 8.26 -12.58 7.36
C ALA A 203 7.00 -13.43 7.41
N LEU A 204 6.54 -13.93 6.25
CA LEU A 204 5.42 -14.84 6.17
C LEU A 204 5.92 -16.23 5.78
N ARG A 205 5.08 -17.23 6.03
CA ARG A 205 5.32 -18.59 5.58
C ARG A 205 5.07 -18.64 4.07
N PRO A 206 5.59 -19.67 3.36
CA PRO A 206 5.62 -19.73 1.90
C PRO A 206 4.35 -19.48 1.11
N ALA A 207 3.27 -20.15 1.51
CA ALA A 207 2.02 -20.10 0.77
C ALA A 207 1.38 -18.72 0.92
N GLN A 208 1.50 -18.16 2.13
CA GLN A 208 0.93 -16.88 2.48
C GLN A 208 1.64 -15.76 1.70
N ARG A 209 2.96 -15.89 1.67
CA ARG A 209 3.85 -14.93 1.04
C ARG A 209 3.54 -14.88 -0.44
N SER A 210 3.32 -16.05 -1.01
CA SER A 210 2.95 -16.17 -2.41
C SER A 210 1.58 -15.53 -2.68
N GLN A 211 0.61 -15.75 -1.78
CA GLN A 211 -0.73 -15.21 -1.90
C GLN A 211 -0.73 -13.68 -1.86
N LEU A 212 0.14 -13.11 -1.02
CA LEU A 212 0.25 -11.68 -0.89
C LEU A 212 0.75 -11.11 -2.22
N ALA A 213 1.70 -11.81 -2.82
CA ALA A 213 2.28 -11.36 -4.08
C ALA A 213 1.22 -11.41 -5.17
N VAL A 214 0.39 -12.46 -5.13
CA VAL A 214 -0.62 -12.71 -6.12
C VAL A 214 -1.69 -11.62 -6.03
N TRP A 215 -2.15 -11.34 -4.82
CA TRP A 215 -3.10 -10.26 -4.63
C TRP A 215 -2.54 -8.96 -5.25
N LEU A 216 -1.27 -8.64 -5.00
CA LEU A 216 -0.70 -7.38 -5.45
C LEU A 216 -0.66 -7.33 -6.97
N LYS A 217 -0.30 -8.45 -7.62
CA LYS A 217 -0.13 -8.48 -9.07
C LYS A 217 -1.48 -8.40 -9.78
N GLY A 218 -2.57 -8.66 -9.08
CA GLY A 218 -3.89 -8.54 -9.69
C GLY A 218 -4.58 -7.20 -9.43
N ASN A 219 -3.82 -6.21 -8.93
CA ASN A 219 -4.37 -4.91 -8.60
C ASN A 219 -4.93 -4.22 -9.85
N THR A 220 -6.07 -3.54 -9.68
CA THR A 220 -6.76 -2.86 -10.77
C THR A 220 -6.67 -1.33 -10.64
N THR A 221 -6.13 -0.82 -9.53
CA THR A 221 -6.18 0.60 -9.23
C THR A 221 -4.90 1.33 -9.61
N GLY A 222 -3.90 0.61 -10.17
CA GLY A 222 -2.53 1.10 -10.18
C GLY A 222 -2.01 1.49 -11.57
N ASP A 223 -2.89 1.53 -12.58
CA ASP A 223 -2.48 1.69 -13.97
C ASP A 223 -1.72 3.01 -14.14
N ALA A 224 -2.20 4.08 -13.51
CA ALA A 224 -1.70 5.43 -13.80
C ALA A 224 -0.55 5.85 -12.90
N THR A 225 -0.11 5.00 -11.98
CA THR A 225 0.94 5.43 -11.08
C THR A 225 2.24 4.73 -11.47
N ILE A 226 2.75 3.84 -10.60
CA ILE A 226 4.04 3.23 -10.82
C ILE A 226 4.01 2.43 -12.11
N ARG A 227 2.90 1.76 -12.42
CA ARG A 227 2.84 0.93 -13.62
C ARG A 227 3.18 1.79 -14.83
N ALA A 228 2.54 2.96 -14.91
CA ALA A 228 2.69 3.94 -15.99
C ALA A 228 4.13 4.40 -16.15
N GLY A 229 4.98 4.26 -15.12
CA GLY A 229 6.37 4.65 -15.17
C GLY A 229 7.32 3.49 -15.47
N ALA A 230 6.80 2.27 -15.55
CA ALA A 230 7.65 1.10 -15.67
C ALA A 230 7.54 0.58 -17.09
N PRO A 231 8.54 -0.16 -17.61
CA PRO A 231 8.37 -0.84 -18.90
C PRO A 231 7.20 -1.80 -18.86
N THR A 232 6.48 -1.95 -19.98
CA THR A 232 5.28 -2.77 -20.04
C THR A 232 5.58 -4.27 -20.04
N ASP A 233 6.84 -4.67 -20.26
CA ASP A 233 7.22 -6.09 -20.16
C ASP A 233 7.52 -6.46 -18.71
N TRP A 234 7.66 -5.46 -17.82
CA TRP A 234 7.88 -5.75 -16.41
C TRP A 234 6.60 -6.26 -15.76
N ILE A 235 6.78 -6.97 -14.64
CA ILE A 235 5.69 -7.46 -13.80
C ILE A 235 5.64 -6.58 -12.55
N VAL A 236 4.48 -5.94 -12.31
CA VAL A 236 4.30 -5.01 -11.21
C VAL A 236 3.16 -5.47 -10.32
N GLY A 237 3.39 -5.37 -9.00
CA GLY A 237 2.37 -5.61 -8.01
C GLY A 237 2.38 -4.43 -7.05
N ASP A 238 1.22 -3.81 -6.85
CA ASP A 238 1.20 -2.55 -6.14
C ASP A 238 -0.09 -2.40 -5.34
N LYS A 239 -0.01 -1.55 -4.32
CA LYS A 239 -1.18 -1.03 -3.66
C LYS A 239 -1.12 0.49 -3.70
N THR A 240 -2.19 1.10 -4.19
CA THR A 240 -2.31 2.55 -4.26
C THR A 240 -2.92 3.09 -2.98
N GLY A 241 -2.86 4.42 -2.84
CA GLY A 241 -3.55 5.12 -1.77
C GLY A 241 -3.81 6.57 -2.14
N SER A 242 -5.04 7.03 -1.91
CA SER A 242 -5.41 8.38 -2.30
C SER A 242 -6.10 9.06 -1.12
N GLY A 243 -6.04 10.39 -1.05
CA GLY A 243 -6.75 11.05 0.03
C GLY A 243 -6.87 12.55 -0.22
N ASP A 244 -7.36 13.24 0.83
CA ASP A 244 -7.33 14.68 0.92
C ASP A 244 -5.88 15.19 0.83
N TYR A 245 -5.77 16.52 0.70
CA TYR A 245 -4.53 17.20 0.38
C TYR A 245 -3.89 16.64 -0.89
N GLY A 246 -4.73 16.11 -1.79
CA GLY A 246 -4.28 15.60 -3.08
C GLY A 246 -3.27 14.48 -2.87
N THR A 247 -3.49 13.71 -1.81
CA THR A 247 -2.56 12.66 -1.43
C THR A 247 -2.69 11.54 -2.47
N THR A 248 -1.53 11.21 -3.08
CA THR A 248 -1.40 10.23 -4.14
C THR A 248 -0.21 9.33 -3.77
N ASN A 249 -0.50 8.05 -3.49
CA ASN A 249 0.52 7.14 -3.02
C ASN A 249 0.49 5.84 -3.84
N ASP A 250 1.62 5.12 -3.84
CA ASP A 250 1.67 3.81 -4.46
C ASP A 250 2.88 3.07 -3.90
N ILE A 251 2.67 1.83 -3.44
CA ILE A 251 3.79 0.98 -3.04
C ILE A 251 3.78 -0.23 -3.95
N ALA A 252 4.98 -0.62 -4.41
CA ALA A 252 5.02 -1.68 -5.41
C ALA A 252 6.28 -2.52 -5.26
N VAL A 253 6.13 -3.78 -5.65
CA VAL A 253 7.25 -4.59 -6.07
C VAL A 253 7.20 -4.74 -7.58
N LEU A 254 8.37 -4.61 -8.21
CA LEU A 254 8.49 -4.66 -9.65
C LEU A 254 9.38 -5.83 -10.04
N TRP A 255 8.97 -6.58 -11.05
CA TRP A 255 9.77 -7.70 -11.55
C TRP A 255 10.25 -7.38 -12.96
N PRO A 256 11.54 -6.98 -13.10
CA PRO A 256 12.12 -6.62 -14.38
C PRO A 256 12.39 -7.89 -15.17
N THR A 257 12.36 -7.80 -16.50
CA THR A 257 12.45 -8.98 -17.32
C THR A 257 13.78 -9.70 -17.06
N LYS A 258 14.86 -8.93 -17.05
CA LYS A 258 16.14 -9.42 -16.60
C LYS A 258 16.34 -8.96 -15.15
N GLY A 259 16.83 -9.86 -14.29
CA GLY A 259 17.30 -9.47 -12.96
C GLY A 259 16.33 -9.72 -11.82
N ALA A 260 16.80 -9.34 -10.63
CA ALA A 260 16.06 -9.48 -9.38
C ALA A 260 15.09 -8.31 -9.18
N PRO A 261 14.08 -8.48 -8.31
CA PRO A 261 13.01 -7.50 -8.17
C PRO A 261 13.35 -6.21 -7.43
N ILE A 262 12.51 -5.21 -7.65
CA ILE A 262 12.71 -3.89 -7.09
C ILE A 262 11.51 -3.58 -6.21
N VAL A 263 11.77 -3.09 -5.01
CA VAL A 263 10.74 -2.52 -4.19
C VAL A 263 10.74 -1.00 -4.41
N LEU A 264 9.57 -0.44 -4.73
CA LEU A 264 9.44 1.00 -4.88
C LEU A 264 8.19 1.52 -4.15
N VAL A 265 8.43 2.46 -3.24
CA VAL A 265 7.38 3.17 -2.50
C VAL A 265 7.44 4.66 -2.84
N VAL A 266 6.29 5.25 -3.20
CA VAL A 266 6.19 6.67 -3.46
C VAL A 266 4.96 7.26 -2.75
N TYR A 267 5.22 8.24 -1.86
CA TYR A 267 4.19 9.04 -1.23
C TYR A 267 4.31 10.49 -1.67
N PHE A 268 3.16 11.06 -2.05
CA PHE A 268 3.05 12.44 -2.48
C PHE A 268 1.83 13.10 -1.84
N THR A 269 2.00 14.32 -1.32
CA THR A 269 0.88 15.07 -0.80
C THR A 269 1.06 16.55 -1.12
N GLN A 270 -0.01 17.35 -0.97
CA GLN A 270 0.00 18.72 -1.48
C GLN A 270 -0.49 19.73 -0.42
N ARG A 271 -0.39 21.01 -0.76
CA ARG A 271 -0.66 22.15 0.09
C ARG A 271 -2.10 22.22 0.60
N GLU A 272 -3.08 22.23 -0.32
CA GLU A 272 -4.44 22.54 0.08
C GLU A 272 -5.23 21.24 0.11
N LYS A 273 -6.26 21.25 0.97
CA LYS A 273 -7.09 20.11 1.29
C LYS A 273 -7.82 19.58 0.05
N ASP A 274 -8.18 20.48 -0.87
CA ASP A 274 -9.02 20.11 -1.99
C ASP A 274 -8.16 19.94 -3.24
N ALA A 275 -6.86 19.68 -3.05
CA ALA A 275 -5.97 19.48 -4.18
C ALA A 275 -6.43 18.28 -5.02
N LYS A 276 -6.22 18.40 -6.33
CA LYS A 276 -6.53 17.34 -7.27
C LYS A 276 -5.35 16.36 -7.27
N PRO A 277 -5.59 15.04 -7.43
CA PRO A 277 -4.51 14.07 -7.35
C PRO A 277 -3.54 14.30 -8.50
N ARG A 278 -2.32 13.81 -8.31
CA ARG A 278 -1.24 13.92 -9.29
C ARG A 278 -0.60 12.54 -9.46
N ARG A 279 -1.37 11.63 -10.04
CA ARG A 279 -0.88 10.30 -10.36
C ARG A 279 0.25 10.38 -11.38
N ASP A 280 0.22 11.39 -12.27
CA ASP A 280 1.31 11.61 -13.21
C ASP A 280 2.64 11.74 -12.48
N VAL A 281 2.64 12.42 -11.34
CA VAL A 281 3.87 12.63 -10.59
C VAL A 281 4.47 11.30 -10.14
N LEU A 282 3.61 10.35 -9.74
CA LEU A 282 4.10 9.06 -9.31
C LEU A 282 4.71 8.33 -10.50
N ALA A 283 4.12 8.46 -11.69
CA ALA A 283 4.68 7.84 -12.89
C ALA A 283 6.02 8.49 -13.26
N SER A 284 6.07 9.81 -13.13
CA SER A 284 7.28 10.55 -13.44
C SER A 284 8.39 10.12 -12.49
N VAL A 285 8.06 9.94 -11.21
CA VAL A 285 9.08 9.56 -10.24
C VAL A 285 9.62 8.18 -10.60
N THR A 286 8.72 7.27 -10.94
CA THR A 286 9.11 5.92 -11.31
C THR A 286 10.11 6.00 -12.46
N LYS A 287 9.75 6.73 -13.53
CA LYS A 287 10.66 6.90 -14.66
C LYS A 287 12.03 7.38 -14.19
N ILE A 288 12.05 8.43 -13.37
CA ILE A 288 13.33 8.96 -12.90
C ILE A 288 14.12 7.85 -12.21
N ILE A 289 13.47 7.12 -11.30
CA ILE A 289 14.18 6.14 -10.48
C ILE A 289 14.69 4.99 -11.34
N LEU A 290 13.86 4.48 -12.26
CA LEU A 290 14.26 3.30 -13.03
C LEU A 290 15.38 3.64 -14.02
N SER A 291 15.55 4.94 -14.34
CA SER A 291 16.60 5.40 -15.24
C SER A 291 18.00 5.25 -14.65
N GLN A 292 18.12 5.38 -13.32
CA GLN A 292 19.38 5.13 -12.62
C GLN A 292 19.83 3.68 -12.76
N ILE A 293 18.88 2.78 -12.59
CA ILE A 293 19.16 1.37 -12.45
C ILE A 293 19.57 0.79 -13.81
P PO4 B . -7.18 4.27 -3.47
O1 PO4 B . -7.30 4.91 -2.07
O2 PO4 B . -8.56 3.95 -3.94
O3 PO4 B . -6.36 2.99 -3.41
O4 PO4 B . -6.50 5.17 -4.49
P PO4 C . 20.44 7.29 -1.83
O1 PO4 C . 20.79 6.06 -0.97
O2 PO4 C . 21.43 8.41 -1.54
O3 PO4 C . 19.03 7.76 -1.52
O4 PO4 C . 20.53 6.91 -3.31
#